data_3ZIR
#
_entry.id   3ZIR
#
_cell.length_a   79.000
_cell.length_b   90.340
_cell.length_c   100.840
_cell.angle_alpha   90.00
_cell.angle_beta   90.00
_cell.angle_gamma   90.00
#
_symmetry.space_group_name_H-M   'P 21 21 21'
#
loop_
_entity.id
_entity.type
_entity.pdbx_description
1 polymer 'IMPORTIN SUBUNIT ALPHA-2'
2 polymer B141NLS
3 water water
#
loop_
_entity_poly.entity_id
_entity_poly.type
_entity_poly.pdbx_seq_one_letter_code
_entity_poly.pdbx_strand_id
1 'polypeptide(L)'
;SGMKETAAAKFERQHMDSPDLGTDDDDKAMADIGSGTVNWSVEDIVKGINSNNLESQLQATQAARKLLSREKQPPIDNII
RAGLIPKFVSFLGKTDCSPIQFESAWALTNIASGTSEQTKAVVDGGAIPAFISLLASPHAHISEQAVWALGNIAGDGSAF
RDLVIKHGAIDPLLALLAVPDLSTLACGYLRNLTWTLSNLCRNKNPAPPLDAVEQILPTLVRLLHHNDPEVLADSCWAIS
YLTDGPNERIEMVVKKGVVPQLVKLLGATELPIVTPALRAIGNIVTGTDEQTQKVIDAGALAVFPSLLTNPKTNIQKEAT
WTMSNITAGRQDQIQQVVNHGLVPFLVGVLSKADFKTQKEAAWAITNYTSGGTVEQIVYLVHCGIIEPLMNLLSAKDTKI
IQVILDAISNIFQAAEKLGETEKLSIMIEECGGLDKIEALQRHENESVYKASLNLIEKYFS
;
A
2 'polypeptide(L)' RQRKRKWSEAF B,C
#
# COMPACT_ATOMS: atom_id res chain seq x y z
N GLY A 36 18.48 29.42 26.47
CA GLY A 36 19.49 28.61 27.14
C GLY A 36 20.16 27.59 26.25
N THR A 37 19.35 26.67 25.67
CA THR A 37 19.85 25.62 24.77
C THR A 37 19.38 25.87 23.31
N VAL A 38 19.00 27.14 23.00
CA VAL A 38 18.51 27.58 21.69
C VAL A 38 19.68 28.16 20.85
N ASN A 39 19.77 27.71 19.57
CA ASN A 39 20.71 28.10 18.53
C ASN A 39 22.20 27.98 18.95
N TRP A 40 22.60 26.79 19.42
CA TRP A 40 23.99 26.51 19.75
C TRP A 40 24.74 26.10 18.50
N SER A 41 26.05 26.36 18.46
CA SER A 41 26.88 25.89 17.35
C SER A 41 27.21 24.41 17.59
N VAL A 42 27.63 23.66 16.56
CA VAL A 42 28.00 22.26 16.69
C VAL A 42 29.22 22.14 17.64
N GLU A 43 30.17 23.09 17.51
CA GLU A 43 31.40 23.22 18.30
C GLU A 43 31.08 23.31 19.81
N ASP A 44 30.09 24.14 20.19
CA ASP A 44 29.65 24.30 21.58
C ASP A 44 29.00 23.01 22.11
N ILE A 45 28.22 22.32 21.25
CA ILE A 45 27.57 21.04 21.58
C ILE A 45 28.65 19.99 21.87
N VAL A 46 29.69 19.94 21.01
CA VAL A 46 30.83 19.01 21.14
C VAL A 46 31.60 19.32 22.43
N LYS A 47 31.85 20.61 22.71
CA LYS A 47 32.57 21.04 23.91
C LYS A 47 31.80 20.63 25.19
N GLY A 48 30.48 20.78 25.19
CA GLY A 48 29.62 20.42 26.31
C GLY A 48 29.52 18.92 26.54
N ILE A 49 29.39 18.13 25.46
CA ILE A 49 29.28 16.67 25.51
C ILE A 49 30.62 16.02 25.91
N ASN A 50 31.76 16.63 25.52
CA ASN A 50 33.11 16.12 25.85
C ASN A 50 33.59 16.50 27.24
N SER A 51 32.82 17.32 27.97
CA SER A 51 33.17 17.72 29.33
C SER A 51 32.97 16.52 30.27
N ASN A 52 33.59 16.56 31.44
CA ASN A 52 33.41 15.43 32.36
C ASN A 52 32.32 15.77 33.39
N ASN A 53 31.25 16.45 32.93
CA ASN A 53 30.14 16.93 33.76
C ASN A 53 28.81 16.53 33.11
N LEU A 54 28.07 15.62 33.79
CA LEU A 54 26.79 15.06 33.34
C LEU A 54 25.76 16.15 33.02
N GLU A 55 25.69 17.21 33.85
CA GLU A 55 24.78 18.34 33.63
C GLU A 55 25.18 19.15 32.39
N SER A 56 26.48 19.42 32.19
CA SER A 56 26.98 20.10 30.99
C SER A 56 26.67 19.26 29.74
N GLN A 57 26.81 17.93 29.87
CA GLN A 57 26.52 16.96 28.80
C GLN A 57 25.02 16.97 28.48
N LEU A 58 24.17 17.06 29.53
CA LEU A 58 22.71 17.11 29.38
C LEU A 58 22.28 18.38 28.62
N GLN A 59 22.81 19.55 29.03
CA GLN A 59 22.51 20.85 28.41
C GLN A 59 22.95 20.84 26.94
N ALA A 60 24.15 20.30 26.66
CA ALA A 60 24.67 20.20 25.29
C ALA A 60 23.84 19.22 24.44
N THR A 61 23.32 18.12 25.04
CA THR A 61 22.51 17.11 24.34
C THR A 61 21.13 17.72 23.99
N GLN A 62 20.55 18.49 24.90
CA GLN A 62 19.27 19.16 24.68
C GLN A 62 19.42 20.18 23.54
N ALA A 63 20.54 20.93 23.53
CA ALA A 63 20.88 21.90 22.49
C ALA A 63 20.99 21.22 21.10
N ALA A 64 21.62 20.02 21.04
CA ALA A 64 21.75 19.17 19.83
C ALA A 64 20.37 18.73 19.34
N ARG A 65 19.47 18.33 20.28
CA ARG A 65 18.11 17.93 19.98
C ARG A 65 17.33 19.11 19.34
N LYS A 66 17.46 20.33 19.90
CA LYS A 66 16.77 21.52 19.39
C LYS A 66 17.27 21.90 18.00
N LEU A 67 18.58 21.75 17.75
CA LEU A 67 19.24 21.98 16.46
C LEU A 67 18.70 20.98 15.43
N LEU A 68 18.64 19.69 15.82
CA LEU A 68 18.18 18.59 14.97
C LEU A 68 16.65 18.61 14.77
N SER A 69 15.91 19.44 15.54
CA SER A 69 14.45 19.59 15.50
C SER A 69 13.95 20.77 14.63
N ARG A 70 14.85 21.69 14.23
CA ARG A 70 14.46 22.87 13.44
C ARG A 70 13.90 22.46 12.05
N GLU A 71 12.91 23.23 11.57
CA GLU A 71 12.20 22.99 10.30
C GLU A 71 13.12 23.11 9.08
N LYS A 72 13.86 24.23 8.97
CA LYS A 72 14.71 24.48 7.82
C LYS A 72 16.14 23.94 8.00
N GLN A 73 16.48 22.95 7.16
CA GLN A 73 17.78 22.29 7.02
C GLN A 73 18.48 21.94 8.36
N PRO A 74 17.98 20.95 9.16
CA PRO A 74 18.71 20.60 10.40
C PRO A 74 20.14 20.12 10.09
N PRO A 75 21.18 20.51 10.86
CA PRO A 75 22.54 20.11 10.49
C PRO A 75 22.86 18.66 10.91
N ILE A 76 22.13 17.69 10.33
CA ILE A 76 22.28 16.26 10.64
C ILE A 76 23.71 15.78 10.30
N ASP A 77 24.19 16.05 9.07
CA ASP A 77 25.52 15.63 8.62
C ASP A 77 26.65 16.25 9.45
N ASN A 78 26.46 17.49 9.93
CA ASN A 78 27.42 18.21 10.78
C ASN A 78 27.55 17.54 12.15
N ILE A 79 26.42 17.09 12.71
CA ILE A 79 26.33 16.38 13.99
C ILE A 79 26.99 14.97 13.84
N ILE A 80 26.77 14.29 12.70
CA ILE A 80 27.37 12.97 12.43
C ILE A 80 28.90 13.13 12.31
N ARG A 81 29.38 14.10 11.50
CA ARG A 81 30.80 14.35 11.25
C ARG A 81 31.57 14.72 12.54
N ALA A 82 30.90 15.35 13.52
CA ALA A 82 31.48 15.72 14.81
C ALA A 82 31.65 14.48 15.74
N GLY A 83 31.20 13.31 15.29
CA GLY A 83 31.28 12.05 16.03
C GLY A 83 30.37 11.99 17.23
N LEU A 84 29.21 12.66 17.18
CA LEU A 84 28.32 12.74 18.33
C LEU A 84 27.34 11.54 18.50
N ILE A 85 27.12 10.69 17.45
CA ILE A 85 26.20 9.54 17.52
C ILE A 85 26.67 8.52 18.61
N PRO A 86 27.98 8.11 18.71
CA PRO A 86 28.38 7.19 19.79
C PRO A 86 28.14 7.77 21.20
N LYS A 87 28.27 9.09 21.36
CA LYS A 87 28.04 9.78 22.65
C LYS A 87 26.56 9.72 23.02
N PHE A 88 25.66 9.98 22.05
CA PHE A 88 24.21 9.90 22.22
C PHE A 88 23.77 8.48 22.57
N VAL A 89 24.33 7.47 21.88
CA VAL A 89 24.01 6.06 22.13
C VAL A 89 24.42 5.67 23.56
N SER A 90 25.62 6.10 24.03
CA SER A 90 26.06 5.80 25.40
C SER A 90 25.13 6.46 26.44
N PHE A 91 24.61 7.67 26.13
CA PHE A 91 23.68 8.42 26.98
C PHE A 91 22.33 7.71 27.11
N LEU A 92 21.98 6.85 26.12
CA LEU A 92 20.75 6.04 26.15
C LEU A 92 20.76 5.05 27.32
N GLY A 93 21.96 4.65 27.76
CA GLY A 93 22.15 3.71 28.86
C GLY A 93 22.23 4.31 30.24
N LYS A 94 22.23 5.65 30.34
CA LYS A 94 22.33 6.37 31.61
C LYS A 94 20.98 6.37 32.37
N THR A 95 20.60 5.18 32.91
CA THR A 95 19.38 4.91 33.69
C THR A 95 19.24 5.90 34.86
N ASP A 96 20.37 6.34 35.43
CA ASP A 96 20.49 7.27 36.56
C ASP A 96 20.10 8.72 36.18
N CYS A 97 20.11 9.04 34.88
CA CYS A 97 19.76 10.38 34.35
C CYS A 97 18.75 10.21 33.18
N SER A 98 17.44 10.12 33.52
CA SER A 98 16.35 9.97 32.53
C SER A 98 16.28 11.18 31.54
N PRO A 99 16.52 12.47 31.94
CA PRO A 99 16.47 13.55 30.93
C PRO A 99 17.48 13.41 29.79
N ILE A 100 18.74 12.95 30.08
CA ILE A 100 19.76 12.79 29.03
C ILE A 100 19.40 11.57 28.13
N GLN A 101 18.64 10.58 28.68
CA GLN A 101 18.16 9.44 27.89
C GLN A 101 17.13 9.93 26.88
N PHE A 102 16.20 10.80 27.33
CA PHE A 102 15.16 11.39 26.50
C PHE A 102 15.74 12.27 25.39
N GLU A 103 16.66 13.18 25.75
CA GLU A 103 17.30 14.13 24.82
C GLU A 103 18.16 13.43 23.77
N SER A 104 18.91 12.37 24.16
CA SER A 104 19.73 11.62 23.23
C SER A 104 18.86 10.73 22.36
N ALA A 105 17.73 10.20 22.88
CA ALA A 105 16.78 9.40 22.10
C ALA A 105 16.11 10.26 21.03
N TRP A 106 15.70 11.48 21.39
CA TRP A 106 15.07 12.44 20.48
C TRP A 106 16.09 12.89 19.40
N ALA A 107 17.34 13.25 19.81
CA ALA A 107 18.41 13.65 18.88
C ALA A 107 18.68 12.56 17.84
N LEU A 108 18.77 11.29 18.30
CA LEU A 108 19.04 10.12 17.44
C LEU A 108 17.85 9.81 16.51
N THR A 109 16.59 9.99 16.99
CA THR A 109 15.35 9.78 16.21
C THR A 109 15.33 10.77 15.03
N ASN A 110 15.77 12.03 15.26
CA ASN A 110 15.83 13.06 14.23
C ASN A 110 16.84 12.70 13.16
N ILE A 111 17.98 12.10 13.55
CA ILE A 111 19.01 11.62 12.62
C ILE A 111 18.48 10.37 11.85
N ALA A 112 17.88 9.38 12.57
CA ALA A 112 17.32 8.14 12.00
C ALA A 112 16.17 8.38 11.02
N SER A 113 15.46 9.52 11.16
CA SER A 113 14.36 9.92 10.30
C SER A 113 14.84 10.55 8.97
N GLY A 114 16.15 10.75 8.83
CA GLY A 114 16.76 11.35 7.65
C GLY A 114 16.91 10.40 6.47
N THR A 115 18.07 10.45 5.82
CA THR A 115 18.35 9.59 4.65
C THR A 115 18.76 8.18 5.13
N SER A 116 18.88 7.22 4.20
CA SER A 116 19.34 5.86 4.50
C SER A 116 20.72 5.89 5.15
N GLU A 117 21.63 6.73 4.61
CA GLU A 117 22.99 6.93 5.10
C GLU A 117 22.98 7.45 6.54
N GLN A 118 22.02 8.35 6.86
CA GLN A 118 21.85 8.94 8.20
C GLN A 118 21.27 7.89 9.17
N THR A 119 20.34 7.03 8.69
CA THR A 119 19.79 5.93 9.49
C THR A 119 20.88 4.89 9.74
N LYS A 120 21.74 4.60 8.71
CA LYS A 120 22.86 3.66 8.84
C LYS A 120 23.83 4.14 9.92
N ALA A 121 24.09 5.46 9.97
CA ALA A 121 24.98 6.06 10.96
C ALA A 121 24.47 5.80 12.40
N VAL A 122 23.14 5.88 12.61
CA VAL A 122 22.48 5.61 13.90
C VAL A 122 22.68 4.12 14.25
N VAL A 123 22.40 3.22 13.30
CA VAL A 123 22.54 1.77 13.43
C VAL A 123 24.00 1.38 13.72
N ASP A 124 24.96 1.91 12.92
CA ASP A 124 26.40 1.67 13.06
C ASP A 124 26.94 2.09 14.42
N GLY A 125 26.26 3.04 15.09
CA GLY A 125 26.62 3.49 16.42
C GLY A 125 26.11 2.59 17.54
N GLY A 126 25.45 1.50 17.17
CA GLY A 126 24.90 0.51 18.10
C GLY A 126 23.61 0.90 18.78
N ALA A 127 22.80 1.77 18.14
CA ALA A 127 21.57 2.29 18.70
C ALA A 127 20.43 1.26 18.81
N ILE A 128 20.39 0.20 17.96
CA ILE A 128 19.29 -0.78 17.96
C ILE A 128 19.13 -1.45 19.36
N PRO A 129 20.15 -2.13 19.97
CA PRO A 129 19.91 -2.76 21.29
C PRO A 129 19.63 -1.75 22.39
N ALA A 130 20.23 -0.55 22.31
CA ALA A 130 20.07 0.52 23.30
C ALA A 130 18.63 1.05 23.29
N PHE A 131 18.01 1.17 22.11
CA PHE A 131 16.62 1.59 21.95
C PHE A 131 15.64 0.50 22.38
N ILE A 132 15.96 -0.78 22.13
CA ILE A 132 15.11 -1.90 22.56
C ILE A 132 15.08 -1.98 24.10
N SER A 133 16.21 -1.68 24.77
CA SER A 133 16.29 -1.64 26.25
C SER A 133 15.40 -0.52 26.83
N LEU A 134 15.24 0.60 26.10
CA LEU A 134 14.43 1.74 26.52
C LEU A 134 12.93 1.50 26.36
N LEU A 135 12.50 0.45 25.63
CA LEU A 135 11.08 0.10 25.48
C LEU A 135 10.44 -0.24 26.86
N ALA A 136 11.23 -0.82 27.78
CA ALA A 136 10.82 -1.22 29.14
C ALA A 136 11.01 -0.08 30.17
N SER A 137 11.31 1.15 29.72
CA SER A 137 11.53 2.32 30.58
C SER A 137 10.26 2.70 31.37
N PRO A 138 10.38 3.08 32.66
CA PRO A 138 9.19 3.49 33.42
C PRO A 138 8.67 4.88 32.99
N HIS A 139 9.48 5.63 32.20
CA HIS A 139 9.12 6.95 31.67
C HIS A 139 8.54 6.75 30.29
N ALA A 140 7.21 6.97 30.17
CA ALA A 140 6.46 6.75 28.92
C ALA A 140 6.96 7.63 27.77
N HIS A 141 7.49 8.83 28.07
CA HIS A 141 8.00 9.73 27.04
C HIS A 141 9.32 9.21 26.44
N ILE A 142 10.13 8.47 27.24
CA ILE A 142 11.40 7.87 26.79
C ILE A 142 11.08 6.62 25.95
N SER A 143 10.20 5.75 26.48
CA SER A 143 9.71 4.53 25.84
C SER A 143 9.11 4.84 24.44
N GLU A 144 8.33 5.92 24.31
CA GLU A 144 7.70 6.38 23.06
C GLU A 144 8.77 6.81 22.04
N GLN A 145 9.80 7.49 22.53
CA GLN A 145 10.93 7.94 21.71
C GLN A 145 11.69 6.73 21.12
N ALA A 146 11.85 5.66 21.92
CA ALA A 146 12.49 4.40 21.50
C ALA A 146 11.64 3.71 20.46
N VAL A 147 10.29 3.72 20.64
CA VAL A 147 9.32 3.17 19.67
C VAL A 147 9.51 3.90 18.32
N TRP A 148 9.52 5.25 18.37
CA TRP A 148 9.69 6.16 17.24
C TRP A 148 10.99 5.89 16.50
N ALA A 149 12.10 5.73 17.24
CA ALA A 149 13.42 5.48 16.68
C ALA A 149 13.49 4.14 15.94
N LEU A 150 12.93 3.06 16.54
CA LEU A 150 12.92 1.73 15.96
C LEU A 150 12.07 1.69 14.68
N GLY A 151 10.97 2.45 14.66
CA GLY A 151 10.10 2.58 13.49
C GLY A 151 10.84 3.16 12.30
N ASN A 152 11.65 4.22 12.55
CA ASN A 152 12.49 4.89 11.55
C ASN A 152 13.60 3.98 11.03
N ILE A 153 14.20 3.16 11.93
CA ILE A 153 15.26 2.20 11.59
C ILE A 153 14.63 1.07 10.76
N ALA A 154 13.55 0.42 11.26
CA ALA A 154 12.87 -0.65 10.52
C ALA A 154 12.33 -0.15 9.16
N GLY A 155 11.85 1.09 9.13
CA GLY A 155 11.29 1.73 7.94
C GLY A 155 12.25 1.99 6.80
N ASP A 156 13.57 1.96 7.07
CA ASP A 156 14.59 2.19 6.05
C ASP A 156 14.54 1.14 4.91
N GLY A 157 14.27 -0.10 5.26
CA GLY A 157 14.20 -1.20 4.30
C GLY A 157 14.24 -2.55 4.96
N SER A 158 14.26 -3.61 4.15
CA SER A 158 14.24 -5.02 4.52
C SER A 158 15.33 -5.43 5.51
N ALA A 159 16.62 -5.11 5.21
CA ALA A 159 17.77 -5.49 6.02
C ALA A 159 17.69 -4.89 7.45
N PHE A 160 17.39 -3.57 7.58
CA PHE A 160 17.29 -2.95 8.90
C PHE A 160 16.04 -3.42 9.65
N ARG A 161 14.94 -3.71 8.93
CA ARG A 161 13.71 -4.24 9.50
C ARG A 161 13.99 -5.58 10.17
N ASP A 162 14.69 -6.46 9.43
CA ASP A 162 15.02 -7.81 9.89
C ASP A 162 16.07 -7.78 10.99
N LEU A 163 16.95 -6.75 10.99
CA LEU A 163 17.96 -6.58 12.04
C LEU A 163 17.31 -6.15 13.36
N VAL A 164 16.30 -5.28 13.29
CA VAL A 164 15.50 -4.79 14.43
C VAL A 164 14.79 -6.01 15.07
N ILE A 165 14.21 -6.91 14.24
CA ILE A 165 13.53 -8.14 14.63
C ILE A 165 14.54 -9.12 15.30
N LYS A 166 15.75 -9.27 14.72
CA LYS A 166 16.80 -10.15 15.26
C LYS A 166 17.30 -9.68 16.63
N HIS A 167 17.33 -8.35 16.86
CA HIS A 167 17.74 -7.79 18.15
C HIS A 167 16.60 -7.94 19.22
N GLY A 168 15.44 -8.48 18.79
CA GLY A 168 14.30 -8.82 19.64
C GLY A 168 13.32 -7.72 20.01
N ALA A 169 13.04 -6.78 19.08
CA ALA A 169 12.12 -5.66 19.35
C ALA A 169 10.65 -6.04 19.43
N ILE A 170 10.18 -7.11 18.74
CA ILE A 170 8.76 -7.44 18.65
C ILE A 170 8.11 -7.72 20.04
N ASP A 171 8.67 -8.62 20.85
CA ASP A 171 8.13 -8.93 22.18
C ASP A 171 8.00 -7.66 23.06
N PRO A 172 9.05 -6.82 23.33
CA PRO A 172 8.82 -5.62 24.17
C PRO A 172 7.86 -4.60 23.51
N LEU A 173 7.78 -4.54 22.17
CA LEU A 173 6.82 -3.63 21.51
C LEU A 173 5.37 -4.12 21.73
N LEU A 174 5.13 -5.45 21.56
CA LEU A 174 3.81 -6.06 21.74
C LEU A 174 3.33 -5.99 23.18
N ALA A 175 4.27 -6.07 24.15
CA ALA A 175 3.99 -5.98 25.59
C ALA A 175 3.46 -4.60 25.97
N LEU A 176 3.89 -3.54 25.24
CA LEU A 176 3.43 -2.16 25.47
C LEU A 176 1.95 -1.98 25.08
N LEU A 177 1.41 -2.92 24.28
CA LEU A 177 0.02 -2.94 23.82
C LEU A 177 -0.79 -4.04 24.53
N ALA A 178 -0.17 -4.80 25.46
CA ALA A 178 -0.84 -5.87 26.20
C ALA A 178 -1.62 -5.28 27.39
N VAL A 179 -2.73 -4.60 27.05
CA VAL A 179 -3.63 -3.93 27.99
C VAL A 179 -5.07 -4.41 27.72
N PRO A 180 -6.00 -4.41 28.72
CA PRO A 180 -7.39 -4.85 28.45
C PRO A 180 -8.13 -3.96 27.43
N ASP A 181 -7.86 -2.66 27.46
CA ASP A 181 -8.50 -1.68 26.56
C ASP A 181 -7.49 -0.66 26.06
N LEU A 182 -7.32 -0.61 24.73
CA LEU A 182 -6.42 0.30 24.01
C LEU A 182 -6.73 1.79 24.28
N SER A 183 -7.99 2.09 24.64
CA SER A 183 -8.46 3.46 24.91
C SER A 183 -7.83 4.09 26.17
N THR A 184 -7.20 3.28 27.05
CA THR A 184 -6.53 3.79 28.27
C THR A 184 -5.15 4.34 27.94
N LEU A 185 -4.59 3.94 26.78
CA LEU A 185 -3.27 4.41 26.36
C LEU A 185 -3.38 5.80 25.79
N ALA A 186 -2.30 6.61 25.96
CA ALA A 186 -2.23 7.94 25.36
C ALA A 186 -2.28 7.80 23.83
N CYS A 187 -3.13 8.62 23.21
CA CYS A 187 -3.43 8.66 21.77
C CYS A 187 -2.14 8.65 20.89
N GLY A 188 -1.20 9.57 21.17
CA GLY A 188 0.05 9.69 20.42
C GLY A 188 0.97 8.50 20.58
N TYR A 189 0.97 7.90 21.79
CA TYR A 189 1.74 6.72 22.16
C TYR A 189 1.28 5.50 21.34
N LEU A 190 -0.06 5.29 21.26
CA LEU A 190 -0.70 4.21 20.51
C LEU A 190 -0.46 4.38 18.99
N ARG A 191 -0.57 5.62 18.50
CA ARG A 191 -0.32 5.98 17.09
C ARG A 191 1.12 5.66 16.69
N ASN A 192 2.08 5.95 17.59
CA ASN A 192 3.50 5.67 17.35
C ASN A 192 3.77 4.17 17.35
N LEU A 193 3.14 3.42 18.28
CA LEU A 193 3.30 1.96 18.35
C LEU A 193 2.77 1.28 17.09
N THR A 194 1.55 1.68 16.64
CA THR A 194 0.89 1.18 15.43
C THR A 194 1.77 1.42 14.19
N TRP A 195 2.27 2.67 14.05
CA TRP A 195 3.13 3.07 12.94
C TRP A 195 4.44 2.24 12.89
N THR A 196 5.10 2.02 14.05
CA THR A 196 6.34 1.25 14.12
C THR A 196 6.07 -0.23 13.72
N LEU A 197 4.93 -0.80 14.19
CA LEU A 197 4.54 -2.18 13.85
C LEU A 197 4.27 -2.33 12.36
N SER A 198 3.70 -1.29 11.71
CA SER A 198 3.43 -1.30 10.27
C SER A 198 4.75 -1.29 9.45
N ASN A 199 5.83 -0.63 9.96
CA ASN A 199 7.13 -0.60 9.31
C ASN A 199 7.82 -1.97 9.42
N LEU A 200 7.48 -2.76 10.47
CA LEU A 200 7.98 -4.13 10.64
C LEU A 200 7.26 -5.12 9.72
N CYS A 201 6.12 -4.68 9.13
CA CYS A 201 5.29 -5.44 8.19
C CYS A 201 5.60 -5.04 6.75
N ARG A 202 6.30 -3.91 6.59
CA ARG A 202 6.61 -3.24 5.34
C ARG A 202 7.84 -3.83 4.64
N ASN A 203 7.91 -3.57 3.32
CA ASN A 203 8.96 -3.89 2.36
C ASN A 203 8.99 -5.36 1.96
N LYS A 204 9.65 -5.60 0.84
CA LYS A 204 9.76 -6.90 0.19
C LYS A 204 11.20 -7.12 -0.24
N ASN A 205 11.47 -8.26 -0.89
CA ASN A 205 12.80 -8.69 -1.34
C ASN A 205 13.84 -8.67 -0.17
N PRO A 206 13.62 -9.44 0.92
CA PRO A 206 12.49 -10.36 1.18
C PRO A 206 11.34 -9.71 1.96
N ALA A 207 10.19 -10.40 1.99
CA ALA A 207 9.03 -9.99 2.80
C ALA A 207 9.39 -10.26 4.29
N PRO A 208 8.70 -9.68 5.32
CA PRO A 208 9.12 -9.95 6.71
C PRO A 208 9.12 -11.46 7.06
N PRO A 209 9.96 -11.92 8.04
CA PRO A 209 9.96 -13.35 8.39
C PRO A 209 8.57 -13.84 8.79
N LEU A 210 8.18 -15.03 8.31
CA LEU A 210 6.86 -15.63 8.55
C LEU A 210 6.47 -15.66 10.02
N ASP A 211 7.39 -16.05 10.91
CA ASP A 211 7.15 -16.14 12.35
C ASP A 211 6.99 -14.74 12.97
N ALA A 212 7.67 -13.70 12.42
CA ALA A 212 7.53 -12.32 12.87
C ALA A 212 6.13 -11.81 12.51
N VAL A 213 5.64 -12.14 11.29
CA VAL A 213 4.30 -11.80 10.80
C VAL A 213 3.24 -12.50 11.69
N GLU A 214 3.43 -13.81 11.98
CA GLU A 214 2.51 -14.57 12.83
C GLU A 214 2.41 -14.00 14.25
N GLN A 215 3.52 -13.49 14.79
CA GLN A 215 3.60 -12.91 16.13
C GLN A 215 2.85 -11.56 16.23
N ILE A 216 3.03 -10.68 15.24
CA ILE A 216 2.44 -9.35 15.19
C ILE A 216 0.92 -9.37 14.87
N LEU A 217 0.48 -10.21 13.90
CA LEU A 217 -0.91 -10.27 13.40
C LEU A 217 -2.02 -10.21 14.49
N PRO A 218 -2.03 -10.99 15.60
CA PRO A 218 -3.15 -10.85 16.58
C PRO A 218 -3.30 -9.43 17.15
N THR A 219 -2.19 -8.68 17.35
CA THR A 219 -2.17 -7.30 17.85
C THR A 219 -2.69 -6.37 16.74
N LEU A 220 -2.29 -6.65 15.50
CA LEU A 220 -2.72 -5.92 14.32
C LEU A 220 -4.24 -6.02 14.11
N VAL A 221 -4.82 -7.23 14.34
CA VAL A 221 -6.26 -7.48 14.22
C VAL A 221 -7.00 -6.60 15.26
N ARG A 222 -6.43 -6.49 16.47
CA ARG A 222 -6.96 -5.70 17.57
C ARG A 222 -6.92 -4.18 17.23
N LEU A 223 -5.80 -3.68 16.67
CA LEU A 223 -5.64 -2.27 16.29
C LEU A 223 -6.60 -1.88 15.15
N LEU A 224 -7.02 -2.86 14.33
CA LEU A 224 -7.94 -2.70 13.21
C LEU A 224 -9.38 -2.47 13.72
N HIS A 225 -9.67 -2.77 15.00
CA HIS A 225 -10.99 -2.57 15.60
C HIS A 225 -10.98 -1.36 16.55
N HIS A 226 -9.84 -0.62 16.63
CA HIS A 226 -9.70 0.58 17.46
C HIS A 226 -10.44 1.77 16.80
N ASN A 227 -10.83 2.79 17.56
CA ASN A 227 -11.63 3.91 17.05
C ASN A 227 -10.83 5.12 16.49
N ASP A 228 -9.52 5.21 16.73
CA ASP A 228 -8.72 6.34 16.24
C ASP A 228 -8.44 6.21 14.73
N PRO A 229 -8.76 7.26 13.93
CA PRO A 229 -8.54 7.19 12.47
C PRO A 229 -7.08 6.97 12.05
N GLU A 230 -6.11 7.57 12.78
CA GLU A 230 -4.68 7.40 12.44
C GLU A 230 -4.22 5.96 12.71
N VAL A 231 -4.69 5.35 13.82
CA VAL A 231 -4.37 3.97 14.20
C VAL A 231 -4.97 3.04 13.12
N LEU A 232 -6.22 3.31 12.69
CA LEU A 232 -6.91 2.53 11.65
C LEU A 232 -6.20 2.62 10.30
N ALA A 233 -5.75 3.82 9.92
CA ALA A 233 -5.01 4.06 8.68
C ALA A 233 -3.71 3.24 8.63
N ASP A 234 -2.90 3.32 9.70
CA ASP A 234 -1.62 2.62 9.78
C ASP A 234 -1.79 1.11 9.93
N SER A 235 -2.89 0.65 10.59
CA SER A 235 -3.22 -0.78 10.74
C SER A 235 -3.59 -1.35 9.37
N CYS A 236 -4.34 -0.57 8.57
CA CYS A 236 -4.72 -0.93 7.21
C CYS A 236 -3.50 -1.01 6.32
N TRP A 237 -2.57 -0.03 6.42
CA TRP A 237 -1.32 -0.01 5.64
C TRP A 237 -0.52 -1.27 5.95
N ALA A 238 -0.41 -1.65 7.26
CA ALA A 238 0.30 -2.85 7.69
C ALA A 238 -0.30 -4.11 7.03
N ILE A 239 -1.65 -4.24 7.02
CA ILE A 239 -2.40 -5.34 6.41
C ILE A 239 -2.19 -5.32 4.88
N SER A 240 -2.17 -4.10 4.27
CA SER A 240 -1.93 -3.98 2.81
C SER A 240 -0.51 -4.47 2.42
N TYR A 241 0.48 -4.27 3.31
CA TYR A 241 1.84 -4.75 3.06
C TYR A 241 1.91 -6.27 3.17
N LEU A 242 1.21 -6.83 4.15
CA LEU A 242 1.20 -8.27 4.41
C LEU A 242 0.43 -9.07 3.34
N THR A 243 -0.51 -8.44 2.63
CA THR A 243 -1.32 -9.08 1.60
C THR A 243 -0.75 -8.87 0.20
N ASP A 244 0.36 -8.12 0.09
CA ASP A 244 1.04 -7.88 -1.18
C ASP A 244 2.20 -8.88 -1.34
N GLY A 245 1.89 -10.02 -1.96
CA GLY A 245 2.88 -11.08 -2.19
C GLY A 245 2.25 -12.39 -2.59
N PRO A 246 2.93 -13.54 -2.35
CA PRO A 246 2.33 -14.84 -2.72
C PRO A 246 1.02 -15.12 -1.94
N ASN A 247 0.17 -16.02 -2.49
CA ASN A 247 -1.14 -16.32 -1.90
C ASN A 247 -1.06 -16.92 -0.48
N GLU A 248 0.11 -17.47 -0.10
CA GLU A 248 0.38 -18.03 1.25
C GLU A 248 0.40 -16.89 2.27
N ARG A 249 0.91 -15.71 1.86
CA ARG A 249 0.98 -14.49 2.67
C ARG A 249 -0.41 -13.92 2.87
N ILE A 250 -1.24 -13.91 1.81
CA ILE A 250 -2.63 -13.47 1.84
C ILE A 250 -3.43 -14.38 2.80
N GLU A 251 -3.22 -15.72 2.70
CA GLU A 251 -3.88 -16.71 3.53
C GLU A 251 -3.69 -16.46 5.03
N MET A 252 -2.45 -16.15 5.47
CA MET A 252 -2.11 -15.82 6.85
C MET A 252 -3.02 -14.75 7.43
N VAL A 253 -3.28 -13.70 6.61
CA VAL A 253 -4.09 -12.54 6.94
C VAL A 253 -5.59 -12.91 6.89
N VAL A 254 -6.06 -13.46 5.77
CA VAL A 254 -7.46 -13.83 5.53
C VAL A 254 -7.95 -14.84 6.62
N LYS A 255 -7.08 -15.78 7.04
CA LYS A 255 -7.37 -16.78 8.08
C LYS A 255 -7.70 -16.13 9.44
N LYS A 256 -7.25 -14.87 9.66
CA LYS A 256 -7.48 -14.14 10.91
C LYS A 256 -8.88 -13.46 10.97
N GLY A 257 -9.66 -13.60 9.89
CA GLY A 257 -11.02 -13.08 9.76
C GLY A 257 -11.15 -11.57 9.74
N VAL A 258 -10.14 -10.87 9.17
CA VAL A 258 -10.10 -9.40 9.11
C VAL A 258 -10.89 -8.82 7.92
N VAL A 259 -11.19 -9.62 6.88
CA VAL A 259 -11.86 -9.17 5.65
C VAL A 259 -13.16 -8.37 5.96
N PRO A 260 -14.10 -8.84 6.82
CA PRO A 260 -15.29 -8.01 7.09
C PRO A 260 -14.94 -6.65 7.69
N GLN A 261 -13.92 -6.57 8.59
CA GLN A 261 -13.47 -5.30 9.18
C GLN A 261 -12.84 -4.39 8.11
N LEU A 262 -12.09 -4.97 7.14
CA LEU A 262 -11.47 -4.19 6.06
C LEU A 262 -12.54 -3.58 5.13
N VAL A 263 -13.63 -4.33 4.88
CA VAL A 263 -14.76 -3.91 4.04
C VAL A 263 -15.50 -2.75 4.74
N LYS A 264 -15.65 -2.83 6.08
CA LYS A 264 -16.26 -1.78 6.89
C LYS A 264 -15.44 -0.48 6.76
N LEU A 265 -14.10 -0.60 6.84
CA LEU A 265 -13.17 0.52 6.73
C LEU A 265 -13.09 1.05 5.28
N LEU A 266 -13.45 0.19 4.30
CA LEU A 266 -13.53 0.54 2.87
C LEU A 266 -14.65 1.57 2.66
N GLY A 267 -15.65 1.54 3.54
CA GLY A 267 -16.77 2.46 3.54
C GLY A 267 -16.61 3.68 4.44
N ALA A 268 -15.41 3.88 5.02
CA ALA A 268 -15.12 5.02 5.90
C ALA A 268 -15.14 6.36 5.14
N THR A 269 -15.35 7.48 5.86
CA THR A 269 -15.40 8.78 5.21
C THR A 269 -13.98 9.32 5.02
N GLU A 270 -13.05 8.95 5.91
CA GLU A 270 -11.65 9.40 5.86
C GLU A 270 -10.88 8.69 4.75
N LEU A 271 -10.39 9.49 3.78
CA LEU A 271 -9.56 9.06 2.67
C LEU A 271 -8.27 8.38 3.18
N PRO A 272 -7.59 8.86 4.28
CA PRO A 272 -6.40 8.13 4.77
C PRO A 272 -6.70 6.72 5.27
N ILE A 273 -7.97 6.35 5.50
CA ILE A 273 -8.39 4.99 5.90
C ILE A 273 -8.78 4.18 4.63
N VAL A 274 -9.61 4.78 3.76
CA VAL A 274 -10.12 4.15 2.53
C VAL A 274 -8.95 3.73 1.60
N THR A 275 -7.90 4.58 1.46
CA THR A 275 -6.75 4.30 0.58
C THR A 275 -6.06 2.95 0.97
N PRO A 276 -5.53 2.75 2.20
CA PRO A 276 -4.91 1.44 2.52
C PRO A 276 -5.91 0.29 2.62
N ALA A 277 -7.17 0.56 3.05
CA ALA A 277 -8.23 -0.47 3.12
C ALA A 277 -8.52 -1.03 1.72
N LEU A 278 -8.59 -0.14 0.69
CA LEU A 278 -8.84 -0.54 -0.70
C LEU A 278 -7.62 -1.29 -1.26
N ARG A 279 -6.41 -0.85 -0.87
CA ARG A 279 -5.16 -1.50 -1.26
C ARG A 279 -5.13 -2.94 -0.73
N ALA A 280 -5.53 -3.16 0.55
CA ALA A 280 -5.59 -4.47 1.20
C ALA A 280 -6.61 -5.37 0.52
N ILE A 281 -7.85 -4.87 0.26
CA ILE A 281 -8.92 -5.61 -0.42
C ILE A 281 -8.47 -5.98 -1.86
N GLY A 282 -7.84 -5.03 -2.56
CA GLY A 282 -7.29 -5.23 -3.89
C GLY A 282 -6.22 -6.30 -3.93
N ASN A 283 -5.34 -6.34 -2.90
CA ASN A 283 -4.28 -7.34 -2.80
C ASN A 283 -4.85 -8.74 -2.53
N ILE A 284 -5.87 -8.85 -1.65
CA ILE A 284 -6.52 -10.13 -1.34
C ILE A 284 -7.18 -10.76 -2.61
N VAL A 285 -7.81 -9.94 -3.48
CA VAL A 285 -8.50 -10.45 -4.68
C VAL A 285 -7.50 -10.83 -5.80
N THR A 286 -6.17 -10.65 -5.57
CA THR A 286 -5.14 -11.13 -6.51
C THR A 286 -4.85 -12.61 -6.20
N GLY A 287 -5.39 -13.07 -5.07
CA GLY A 287 -5.20 -14.42 -4.56
C GLY A 287 -6.03 -15.48 -5.26
N THR A 288 -6.35 -16.56 -4.54
CA THR A 288 -7.15 -17.69 -5.04
C THR A 288 -8.60 -17.26 -5.20
N ASP A 289 -9.43 -18.09 -5.87
CA ASP A 289 -10.86 -17.84 -6.04
C ASP A 289 -11.55 -17.82 -4.68
N GLU A 290 -11.07 -18.66 -3.76
CA GLU A 290 -11.55 -18.83 -2.39
C GLU A 290 -11.27 -17.59 -1.55
N GLN A 291 -10.06 -16.97 -1.69
CA GLN A 291 -9.68 -15.74 -0.98
C GLN A 291 -10.51 -14.56 -1.54
N THR A 292 -10.66 -14.50 -2.88
CA THR A 292 -11.48 -13.49 -3.58
C THR A 292 -12.95 -13.60 -3.13
N GLN A 293 -13.45 -14.84 -2.86
CA GLN A 293 -14.82 -15.08 -2.42
C GLN A 293 -15.09 -14.48 -1.03
N LYS A 294 -14.09 -14.47 -0.15
CA LYS A 294 -14.21 -13.94 1.22
C LYS A 294 -14.49 -12.45 1.17
N VAL A 295 -13.93 -11.75 0.16
CA VAL A 295 -14.12 -10.32 -0.08
C VAL A 295 -15.57 -10.08 -0.54
N ILE A 296 -16.09 -10.88 -1.51
CA ILE A 296 -17.45 -10.80 -2.02
C ILE A 296 -18.47 -11.11 -0.87
N ASP A 297 -18.24 -12.21 -0.10
CA ASP A 297 -19.11 -12.64 1.01
C ASP A 297 -19.26 -11.55 2.07
N ALA A 298 -18.21 -10.74 2.28
CA ALA A 298 -18.19 -9.64 3.26
C ALA A 298 -18.94 -8.37 2.75
N GLY A 299 -19.47 -8.43 1.54
CA GLY A 299 -20.24 -7.34 0.93
C GLY A 299 -19.44 -6.17 0.38
N ALA A 300 -18.22 -6.43 -0.10
CA ALA A 300 -17.33 -5.41 -0.63
C ALA A 300 -17.86 -4.76 -1.90
N LEU A 301 -18.51 -5.55 -2.80
CA LEU A 301 -19.03 -5.07 -4.09
C LEU A 301 -20.05 -3.92 -3.97
N ALA A 302 -20.77 -3.82 -2.84
CA ALA A 302 -21.79 -2.79 -2.58
C ALA A 302 -21.16 -1.39 -2.38
N VAL A 303 -19.84 -1.31 -2.13
CA VAL A 303 -19.07 -0.07 -1.93
C VAL A 303 -18.53 0.48 -3.27
N PHE A 304 -18.40 -0.38 -4.29
CA PHE A 304 -17.81 -0.06 -5.59
C PHE A 304 -18.59 0.98 -6.43
N PRO A 305 -19.94 1.14 -6.39
CA PRO A 305 -20.54 2.28 -7.12
C PRO A 305 -19.92 3.63 -6.71
N SER A 306 -19.61 3.83 -5.42
CA SER A 306 -18.99 5.08 -4.98
C SER A 306 -17.46 5.09 -5.24
N LEU A 307 -16.77 3.94 -5.07
CA LEU A 307 -15.32 3.87 -5.30
C LEU A 307 -14.99 4.08 -6.77
N LEU A 308 -15.84 3.56 -7.67
CA LEU A 308 -15.62 3.67 -9.10
C LEU A 308 -15.99 5.08 -9.63
N THR A 309 -16.59 5.94 -8.79
CA THR A 309 -16.92 7.33 -9.15
C THR A 309 -16.26 8.30 -8.17
N ASN A 310 -15.30 7.81 -7.36
CA ASN A 310 -14.61 8.59 -6.34
C ASN A 310 -13.84 9.79 -6.95
N PRO A 311 -13.95 11.01 -6.36
CA PRO A 311 -13.22 12.16 -6.93
C PRO A 311 -11.69 12.02 -6.92
N LYS A 312 -11.11 11.16 -6.06
CA LYS A 312 -9.67 10.89 -6.03
C LYS A 312 -9.34 9.86 -7.10
N THR A 313 -8.52 10.23 -8.11
CA THR A 313 -8.19 9.36 -9.26
C THR A 313 -7.53 8.05 -8.83
N ASN A 314 -6.65 8.08 -7.81
CA ASN A 314 -5.97 6.88 -7.31
C ASN A 314 -6.95 5.87 -6.67
N ILE A 315 -8.05 6.35 -6.05
CA ILE A 315 -9.08 5.46 -5.49
C ILE A 315 -9.80 4.77 -6.66
N GLN A 316 -10.18 5.57 -7.68
CA GLN A 316 -10.85 5.09 -8.89
C GLN A 316 -9.99 4.08 -9.64
N LYS A 317 -8.68 4.36 -9.77
CA LYS A 317 -7.69 3.51 -10.43
C LYS A 317 -7.56 2.15 -9.72
N GLU A 318 -7.36 2.17 -8.37
CA GLU A 318 -7.17 0.96 -7.55
C GLU A 318 -8.48 0.20 -7.37
N ALA A 319 -9.63 0.89 -7.42
CA ALA A 319 -10.95 0.24 -7.36
C ALA A 319 -11.20 -0.51 -8.67
N THR A 320 -10.75 0.05 -9.81
CA THR A 320 -10.92 -0.58 -11.12
C THR A 320 -9.95 -1.76 -11.27
N TRP A 321 -8.73 -1.66 -10.68
CA TRP A 321 -7.74 -2.73 -10.65
C TRP A 321 -8.31 -3.91 -9.84
N THR A 322 -8.96 -3.61 -8.70
CA THR A 322 -9.63 -4.57 -7.82
C THR A 322 -10.75 -5.29 -8.61
N MET A 323 -11.58 -4.52 -9.33
CA MET A 323 -12.66 -5.04 -10.18
C MET A 323 -12.13 -6.01 -11.25
N SER A 324 -11.02 -5.65 -11.88
CA SER A 324 -10.39 -6.47 -12.90
C SER A 324 -9.95 -7.84 -12.39
N ASN A 325 -9.52 -7.90 -11.14
CA ASN A 325 -9.14 -9.17 -10.56
C ASN A 325 -10.33 -9.99 -10.11
N ILE A 326 -11.44 -9.33 -9.85
CA ILE A 326 -12.66 -10.03 -9.53
C ILE A 326 -13.32 -10.54 -10.82
N THR A 327 -13.13 -9.85 -11.93
CA THR A 327 -13.67 -10.34 -13.19
C THR A 327 -12.75 -11.39 -13.79
N ALA A 328 -11.62 -11.60 -13.14
CA ALA A 328 -10.71 -12.65 -13.51
C ALA A 328 -11.01 -13.91 -12.71
N GLY A 329 -12.12 -13.89 -11.99
CA GLY A 329 -12.51 -15.02 -11.17
C GLY A 329 -13.51 -15.98 -11.78
N ARG A 330 -14.21 -16.70 -10.94
CA ARG A 330 -15.22 -17.69 -11.36
C ARG A 330 -16.39 -16.99 -12.03
N GLN A 331 -17.17 -17.74 -12.84
CA GLN A 331 -18.35 -17.22 -13.51
C GLN A 331 -19.41 -16.75 -12.50
N ASP A 332 -19.50 -17.41 -11.33
CA ASP A 332 -20.42 -17.05 -10.26
C ASP A 332 -19.95 -15.75 -9.57
N GLN A 333 -18.63 -15.47 -9.60
CA GLN A 333 -18.04 -14.24 -9.06
C GLN A 333 -18.30 -13.10 -10.05
N ILE A 334 -18.20 -13.39 -11.38
CA ILE A 334 -18.54 -12.44 -12.45
C ILE A 334 -20.04 -12.10 -12.31
N GLN A 335 -20.88 -13.12 -11.98
CA GLN A 335 -22.33 -12.96 -11.81
C GLN A 335 -22.67 -11.98 -10.68
N GLN A 336 -21.90 -11.99 -9.57
CA GLN A 336 -22.08 -11.10 -8.42
C GLN A 336 -21.77 -9.64 -8.82
N VAL A 337 -20.79 -9.44 -9.73
CA VAL A 337 -20.42 -8.14 -10.30
C VAL A 337 -21.65 -7.61 -11.07
N VAL A 338 -22.25 -8.49 -11.89
CA VAL A 338 -23.45 -8.22 -12.66
C VAL A 338 -24.63 -7.83 -11.73
N ASN A 339 -24.92 -8.68 -10.71
CA ASN A 339 -26.03 -8.51 -9.76
C ASN A 339 -25.96 -7.22 -8.94
N HIS A 340 -24.74 -6.77 -8.62
CA HIS A 340 -24.50 -5.56 -7.84
C HIS A 340 -24.60 -4.30 -8.72
N GLY A 341 -24.94 -4.48 -10.01
CA GLY A 341 -25.08 -3.40 -10.99
C GLY A 341 -23.79 -2.67 -11.29
N LEU A 342 -22.66 -3.40 -11.22
CA LEU A 342 -21.32 -2.85 -11.40
C LEU A 342 -20.84 -2.80 -12.86
N VAL A 343 -21.50 -3.53 -13.80
CA VAL A 343 -21.11 -3.47 -15.20
C VAL A 343 -21.35 -2.03 -15.75
N PRO A 344 -22.51 -1.34 -15.50
CA PRO A 344 -22.63 0.07 -15.95
C PRO A 344 -21.54 0.98 -15.36
N PHE A 345 -21.02 0.65 -14.15
CA PHE A 345 -19.93 1.41 -13.54
C PHE A 345 -18.61 1.16 -14.29
N LEU A 346 -18.41 -0.06 -14.84
CA LEU A 346 -17.23 -0.38 -15.65
C LEU A 346 -17.31 0.30 -17.04
N VAL A 347 -18.52 0.42 -17.63
CA VAL A 347 -18.75 1.15 -18.87
C VAL A 347 -18.40 2.65 -18.64
N GLY A 348 -18.79 3.16 -17.47
CA GLY A 348 -18.53 4.53 -17.04
C GLY A 348 -17.06 4.91 -17.01
N VAL A 349 -16.23 4.15 -16.25
CA VAL A 349 -14.78 4.37 -16.11
C VAL A 349 -14.05 4.17 -17.45
N LEU A 350 -14.55 3.25 -18.29
CA LEU A 350 -13.99 3.03 -19.63
C LEU A 350 -14.29 4.24 -20.56
N SER A 351 -15.45 4.89 -20.35
CA SER A 351 -15.90 6.04 -21.14
C SER A 351 -15.18 7.34 -20.76
N LYS A 352 -15.03 7.58 -19.46
CA LYS A 352 -14.41 8.78 -18.93
C LYS A 352 -13.81 8.48 -17.58
N ALA A 353 -12.49 8.71 -17.47
CA ALA A 353 -11.63 8.56 -16.31
C ALA A 353 -10.22 8.99 -16.71
N ASP A 354 -9.27 9.05 -15.74
CA ASP A 354 -7.88 9.31 -16.11
C ASP A 354 -7.41 8.07 -16.88
N PHE A 355 -6.51 8.24 -17.85
CA PHE A 355 -6.03 7.16 -18.72
C PHE A 355 -5.64 5.86 -17.94
N LYS A 356 -5.00 5.99 -16.78
CA LYS A 356 -4.56 4.87 -15.95
C LYS A 356 -5.75 4.00 -15.48
N THR A 357 -6.87 4.64 -15.10
CA THR A 357 -8.11 3.99 -14.66
C THR A 357 -8.78 3.32 -15.87
N GLN A 358 -8.69 3.98 -17.06
CA GLN A 358 -9.27 3.47 -18.32
C GLN A 358 -8.56 2.20 -18.77
N LYS A 359 -7.22 2.15 -18.57
CA LYS A 359 -6.37 1.00 -18.87
C LYS A 359 -6.75 -0.18 -17.95
N GLU A 360 -7.07 0.11 -16.68
CA GLU A 360 -7.49 -0.90 -15.71
C GLU A 360 -8.90 -1.40 -16.04
N ALA A 361 -9.75 -0.51 -16.58
CA ALA A 361 -11.12 -0.85 -17.00
C ALA A 361 -11.04 -1.78 -18.20
N ALA A 362 -10.13 -1.51 -19.11
CA ALA A 362 -9.85 -2.41 -20.23
C ALA A 362 -9.50 -3.81 -19.77
N TRP A 363 -8.64 -3.91 -18.76
CA TRP A 363 -8.29 -5.18 -18.15
C TRP A 363 -9.47 -5.88 -17.58
N ALA A 364 -10.33 -5.15 -16.87
CA ALA A 364 -11.51 -5.75 -16.27
C ALA A 364 -12.46 -6.33 -17.32
N ILE A 365 -12.59 -5.64 -18.44
CA ILE A 365 -13.43 -6.08 -19.54
C ILE A 365 -12.88 -7.32 -20.21
N THR A 366 -11.56 -7.35 -20.44
CA THR A 366 -10.92 -8.47 -21.10
C THR A 366 -10.95 -9.71 -20.23
N ASN A 367 -10.80 -9.52 -18.91
CA ASN A 367 -10.87 -10.63 -18.00
C ASN A 367 -12.28 -11.18 -17.94
N TYR A 368 -13.25 -10.28 -17.93
CA TYR A 368 -14.66 -10.59 -17.91
C TYR A 368 -15.08 -11.37 -19.16
N THR A 369 -14.56 -10.98 -20.30
CA THR A 369 -14.92 -11.64 -21.55
C THR A 369 -14.18 -12.96 -21.70
N SER A 370 -13.09 -13.09 -20.97
CA SER A 370 -12.29 -14.30 -21.02
C SER A 370 -12.92 -15.45 -20.25
N GLY A 371 -13.49 -15.15 -19.10
CA GLY A 371 -14.03 -16.19 -18.24
C GLY A 371 -15.53 -16.19 -18.18
N GLY A 372 -16.17 -15.28 -18.90
CA GLY A 372 -17.61 -15.16 -18.84
C GLY A 372 -18.40 -16.17 -19.66
N THR A 373 -19.66 -16.33 -19.31
CA THR A 373 -20.61 -17.08 -20.11
C THR A 373 -21.06 -16.22 -21.28
N VAL A 374 -21.70 -16.84 -22.26
CA VAL A 374 -22.24 -16.13 -23.43
C VAL A 374 -23.24 -15.05 -22.93
N GLU A 375 -24.19 -15.45 -22.04
CA GLU A 375 -25.21 -14.58 -21.43
C GLU A 375 -24.58 -13.35 -20.74
N GLN A 376 -23.46 -13.54 -19.99
CA GLN A 376 -22.75 -12.46 -19.29
C GLN A 376 -22.05 -11.52 -20.28
N ILE A 377 -21.46 -12.06 -21.37
CA ILE A 377 -20.78 -11.27 -22.41
C ILE A 377 -21.83 -10.46 -23.19
N VAL A 378 -22.99 -11.09 -23.53
CA VAL A 378 -24.12 -10.46 -24.21
C VAL A 378 -24.62 -9.26 -23.37
N TYR A 379 -24.72 -9.45 -22.04
CA TYR A 379 -25.14 -8.43 -21.08
C TYR A 379 -24.19 -7.22 -21.09
N LEU A 380 -22.87 -7.49 -21.17
CA LEU A 380 -21.82 -6.47 -21.22
C LEU A 380 -22.01 -5.56 -22.46
N VAL A 381 -22.38 -6.14 -23.61
CA VAL A 381 -22.64 -5.44 -24.87
C VAL A 381 -23.92 -4.59 -24.74
N HIS A 382 -24.99 -5.15 -24.13
CA HIS A 382 -26.26 -4.45 -23.93
C HIS A 382 -26.09 -3.24 -22.98
N CYS A 383 -25.07 -3.25 -22.10
CA CYS A 383 -24.76 -2.13 -21.20
C CYS A 383 -23.96 -1.03 -21.93
N GLY A 384 -23.60 -1.29 -23.19
CA GLY A 384 -22.90 -0.33 -24.04
C GLY A 384 -21.39 -0.32 -23.93
N ILE A 385 -20.74 -1.50 -23.82
CA ILE A 385 -19.29 -1.56 -23.69
C ILE A 385 -18.53 -1.27 -25.03
N ILE A 386 -19.13 -1.59 -26.20
CA ILE A 386 -18.48 -1.51 -27.52
C ILE A 386 -17.94 -0.09 -27.85
N GLU A 387 -18.79 0.96 -27.89
CA GLU A 387 -18.36 2.31 -28.24
C GLU A 387 -17.18 2.80 -27.35
N PRO A 388 -17.24 2.80 -25.98
CA PRO A 388 -16.06 3.26 -25.21
C PRO A 388 -14.82 2.39 -25.44
N LEU A 389 -15.01 1.08 -25.68
CA LEU A 389 -13.92 0.12 -25.96
C LEU A 389 -13.23 0.47 -27.29
N MET A 390 -14.01 0.88 -28.30
CA MET A 390 -13.49 1.27 -29.62
C MET A 390 -12.77 2.62 -29.55
N ASN A 391 -13.33 3.61 -28.82
CA ASN A 391 -12.75 4.94 -28.68
C ASN A 391 -11.32 4.91 -28.09
N LEU A 392 -11.02 3.90 -27.24
CA LEU A 392 -9.73 3.71 -26.60
C LEU A 392 -8.69 3.03 -27.53
N LEU A 393 -9.10 2.64 -28.77
CA LEU A 393 -8.15 2.07 -29.72
C LEU A 393 -7.29 3.17 -30.37
N SER A 394 -7.61 4.45 -30.05
CA SER A 394 -6.92 5.67 -30.48
C SER A 394 -5.78 6.03 -29.52
N ALA A 395 -5.67 5.32 -28.38
CA ALA A 395 -4.65 5.57 -27.36
C ALA A 395 -3.25 5.21 -27.87
N LYS A 396 -2.26 5.99 -27.46
CA LYS A 396 -0.87 5.75 -27.82
C LYS A 396 -0.23 4.82 -26.81
N ASP A 397 -0.90 3.71 -26.54
CA ASP A 397 -0.41 2.75 -25.57
C ASP A 397 -0.57 1.37 -26.14
N THR A 398 0.54 0.68 -26.36
CA THR A 398 0.51 -0.61 -27.03
C THR A 398 -0.20 -1.68 -26.22
N LYS A 399 0.00 -1.69 -24.91
CA LYS A 399 -0.58 -2.71 -24.07
C LYS A 399 -2.09 -2.62 -24.00
N ILE A 400 -2.62 -1.41 -23.86
CA ILE A 400 -4.05 -1.24 -23.80
C ILE A 400 -4.72 -1.67 -25.11
N ILE A 401 -4.05 -1.40 -26.22
CA ILE A 401 -4.56 -1.80 -27.52
C ILE A 401 -4.65 -3.31 -27.65
N GLN A 402 -3.64 -4.02 -27.17
CA GLN A 402 -3.67 -5.48 -27.19
C GLN A 402 -4.77 -6.04 -26.30
N VAL A 403 -4.98 -5.39 -25.16
CA VAL A 403 -6.00 -5.80 -24.21
C VAL A 403 -7.39 -5.65 -24.81
N ILE A 404 -7.62 -4.53 -25.48
CA ILE A 404 -8.92 -4.25 -26.09
C ILE A 404 -9.18 -5.18 -27.28
N LEU A 405 -8.16 -5.42 -28.07
CA LEU A 405 -8.28 -6.33 -29.23
C LEU A 405 -8.62 -7.76 -28.80
N ASP A 406 -8.08 -8.23 -27.65
CA ASP A 406 -8.38 -9.57 -27.11
C ASP A 406 -9.83 -9.65 -26.66
N ALA A 407 -10.34 -8.56 -26.04
CA ALA A 407 -11.73 -8.45 -25.57
C ALA A 407 -12.70 -8.50 -26.77
N ILE A 408 -12.36 -7.80 -27.89
CA ILE A 408 -13.14 -7.78 -29.15
C ILE A 408 -13.27 -9.22 -29.67
N SER A 409 -12.14 -9.91 -29.75
CA SER A 409 -12.09 -11.28 -30.18
C SER A 409 -12.98 -12.14 -29.28
N ASN A 410 -12.88 -11.95 -27.97
CA ASN A 410 -13.68 -12.72 -27.02
C ASN A 410 -15.17 -12.51 -27.21
N ILE A 411 -15.55 -11.27 -27.51
CA ILE A 411 -16.95 -10.91 -27.67
C ILE A 411 -17.48 -11.47 -28.97
N PHE A 412 -16.65 -11.46 -30.00
CA PHE A 412 -16.98 -12.04 -31.30
C PHE A 412 -17.19 -13.55 -31.21
N GLN A 413 -16.40 -14.22 -30.35
CA GLN A 413 -16.47 -15.67 -30.08
C GLN A 413 -17.83 -16.03 -29.46
N ALA A 414 -18.36 -15.16 -28.58
CA ALA A 414 -19.66 -15.31 -27.95
C ALA A 414 -20.78 -15.06 -28.99
N ALA A 415 -20.55 -14.09 -29.91
CA ALA A 415 -21.47 -13.76 -31.00
C ALA A 415 -21.50 -14.89 -32.04
N GLU A 416 -20.37 -15.63 -32.19
CA GLU A 416 -20.24 -16.79 -33.10
C GLU A 416 -21.14 -17.93 -32.64
N LYS A 417 -21.23 -18.13 -31.30
CA LYS A 417 -22.04 -19.16 -30.65
C LYS A 417 -23.56 -18.89 -30.80
N LEU A 418 -23.94 -17.64 -31.13
CA LEU A 418 -25.34 -17.21 -31.30
C LEU A 418 -25.67 -16.82 -32.75
N GLY A 419 -24.68 -16.86 -33.64
CA GLY A 419 -24.81 -16.47 -35.05
C GLY A 419 -25.11 -14.99 -35.22
N GLU A 420 -24.70 -14.17 -34.22
CA GLU A 420 -24.93 -12.74 -34.12
C GLU A 420 -23.67 -11.90 -34.41
N THR A 421 -22.71 -12.46 -35.17
CA THR A 421 -21.47 -11.79 -35.54
C THR A 421 -21.71 -10.56 -36.42
N GLU A 422 -22.72 -10.63 -37.33
CA GLU A 422 -23.10 -9.55 -38.24
C GLU A 422 -23.62 -8.34 -37.47
N LYS A 423 -24.48 -8.56 -36.45
CA LYS A 423 -25.04 -7.51 -35.59
C LYS A 423 -23.93 -6.76 -34.84
N LEU A 424 -22.89 -7.50 -34.37
CA LEU A 424 -21.73 -6.94 -33.67
C LEU A 424 -20.81 -6.18 -34.64
N SER A 425 -20.63 -6.72 -35.87
CA SER A 425 -19.83 -6.10 -36.93
C SER A 425 -20.40 -4.73 -37.32
N ILE A 426 -21.73 -4.62 -37.44
CA ILE A 426 -22.43 -3.38 -37.78
C ILE A 426 -22.28 -2.38 -36.61
N MET A 427 -22.36 -2.87 -35.37
CA MET A 427 -22.20 -2.09 -34.14
C MET A 427 -20.82 -1.40 -34.09
N ILE A 428 -19.74 -2.16 -34.41
CA ILE A 428 -18.36 -1.68 -34.43
C ILE A 428 -18.18 -0.70 -35.61
N GLU A 429 -18.81 -0.98 -36.77
CA GLU A 429 -18.76 -0.12 -37.95
C GLU A 429 -19.35 1.27 -37.65
N GLU A 430 -20.58 1.31 -37.07
CA GLU A 430 -21.37 2.50 -36.76
C GLU A 430 -20.69 3.50 -35.81
N CYS A 431 -19.89 3.04 -34.84
CA CYS A 431 -19.23 3.92 -33.88
C CYS A 431 -17.78 4.28 -34.32
N GLY A 432 -17.41 3.90 -35.54
CA GLY A 432 -16.10 4.17 -36.12
C GLY A 432 -14.99 3.27 -35.63
N GLY A 433 -15.37 2.10 -35.11
CA GLY A 433 -14.44 1.10 -34.60
C GLY A 433 -13.68 0.38 -35.69
N LEU A 434 -14.33 0.17 -36.84
CA LEU A 434 -13.76 -0.48 -38.02
C LEU A 434 -12.57 0.32 -38.57
N ASP A 435 -12.69 1.67 -38.60
CA ASP A 435 -11.65 2.59 -39.07
C ASP A 435 -10.39 2.49 -38.19
N LYS A 436 -10.58 2.28 -36.88
CA LYS A 436 -9.50 2.16 -35.90
C LYS A 436 -8.76 0.81 -36.04
N ILE A 437 -9.50 -0.31 -36.20
CA ILE A 437 -8.93 -1.66 -36.36
C ILE A 437 -8.16 -1.76 -37.70
N GLU A 438 -8.74 -1.21 -38.80
CA GLU A 438 -8.11 -1.19 -40.14
C GLU A 438 -6.79 -0.43 -40.12
N ALA A 439 -6.73 0.70 -39.36
CA ALA A 439 -5.53 1.52 -39.21
C ALA A 439 -4.45 0.78 -38.40
N LEU A 440 -4.88 -0.07 -37.43
CA LEU A 440 -3.98 -0.86 -36.59
C LEU A 440 -3.32 -2.03 -37.36
N GLN A 441 -3.72 -2.23 -38.63
CA GLN A 441 -3.12 -3.24 -39.50
C GLN A 441 -1.75 -2.78 -40.00
N ARG A 442 -1.35 -1.53 -39.67
CA ARG A 442 -0.08 -0.91 -40.04
C ARG A 442 0.69 -0.44 -38.79
N HIS A 443 0.33 -0.98 -37.62
CA HIS A 443 0.94 -0.66 -36.32
C HIS A 443 2.33 -1.28 -36.18
N GLU A 444 3.24 -0.60 -35.46
CA GLU A 444 4.63 -1.02 -35.22
C GLU A 444 4.72 -2.37 -34.49
N ASN A 445 3.84 -2.61 -33.49
CA ASN A 445 3.82 -3.83 -32.69
C ASN A 445 3.26 -5.01 -33.49
N GLU A 446 3.97 -6.16 -33.42
CA GLU A 446 3.68 -7.43 -34.10
C GLU A 446 2.32 -8.02 -33.67
N SER A 447 2.07 -8.13 -32.35
CA SER A 447 0.84 -8.70 -31.79
C SER A 447 -0.41 -7.90 -32.19
N VAL A 448 -0.32 -6.56 -32.23
CA VAL A 448 -1.41 -5.65 -32.61
C VAL A 448 -1.72 -5.85 -34.11
N TYR A 449 -0.67 -5.85 -34.94
CA TYR A 449 -0.67 -6.05 -36.39
C TYR A 449 -1.43 -7.33 -36.76
N LYS A 450 -1.06 -8.46 -36.12
CA LYS A 450 -1.62 -9.79 -36.33
C LYS A 450 -3.07 -9.90 -35.85
N ALA A 451 -3.39 -9.35 -34.65
CA ALA A 451 -4.73 -9.40 -34.05
C ALA A 451 -5.75 -8.57 -34.84
N SER A 452 -5.34 -7.39 -35.36
CA SER A 452 -6.19 -6.49 -36.14
C SER A 452 -6.45 -7.07 -37.54
N LEU A 453 -5.43 -7.67 -38.19
CA LEU A 453 -5.55 -8.30 -39.51
C LEU A 453 -6.50 -9.50 -39.43
N ASN A 454 -6.46 -10.26 -38.32
CA ASN A 454 -7.29 -11.43 -38.03
C ASN A 454 -8.78 -11.08 -37.96
N LEU A 455 -9.13 -9.99 -37.22
CA LEU A 455 -10.51 -9.51 -37.03
C LEU A 455 -11.12 -8.98 -38.33
N ILE A 456 -10.33 -8.21 -39.12
CA ILE A 456 -10.76 -7.65 -40.42
C ILE A 456 -11.10 -8.80 -41.38
N GLU A 457 -10.21 -9.81 -41.47
CA GLU A 457 -10.35 -10.98 -42.34
C GLU A 457 -11.50 -11.92 -41.92
N LYS A 458 -11.77 -12.02 -40.61
CA LYS A 458 -12.79 -12.92 -40.09
C LYS A 458 -14.22 -12.34 -40.07
N TYR A 459 -14.38 -11.05 -39.70
CA TYR A 459 -15.72 -10.47 -39.54
C TYR A 459 -15.99 -9.17 -40.34
N PHE A 460 -14.98 -8.62 -41.06
CA PHE A 460 -15.20 -7.36 -41.78
C PHE A 460 -14.82 -7.44 -43.28
N SER A 461 -14.65 -8.65 -43.84
CA SER A 461 -14.30 -8.84 -45.25
C SER A 461 -15.44 -9.49 -46.04
N ARG B 1 -6.90 -10.47 -19.33
CA ARG B 1 -6.84 -11.35 -20.48
C ARG B 1 -7.09 -12.78 -20.06
N GLN B 2 -7.26 -12.99 -18.76
CA GLN B 2 -7.66 -14.26 -18.12
C GLN B 2 -7.17 -14.38 -16.67
N ARG B 3 -6.05 -13.73 -16.34
CA ARG B 3 -5.41 -13.97 -15.04
C ARG B 3 -5.31 -12.78 -14.08
N LYS B 4 -5.07 -13.10 -12.81
CA LYS B 4 -4.89 -12.12 -11.76
C LYS B 4 -3.62 -11.32 -11.94
N ARG B 5 -3.68 -10.04 -11.62
CA ARG B 5 -2.54 -9.16 -11.68
C ARG B 5 -2.29 -8.53 -10.30
N LYS B 6 -1.08 -8.72 -9.77
CA LYS B 6 -0.70 -8.13 -8.50
C LYS B 6 -0.33 -6.66 -8.64
N TRP B 7 -0.22 -5.95 -7.52
CA TRP B 7 -0.01 -4.49 -7.59
C TRP B 7 1.15 -4.09 -8.51
N SER B 8 2.27 -4.81 -8.46
CA SER B 8 3.42 -4.46 -9.27
C SER B 8 3.28 -4.84 -10.75
N GLU B 9 2.35 -5.74 -11.06
CA GLU B 9 2.08 -6.09 -12.45
C GLU B 9 1.25 -5.02 -13.14
N ALA B 10 0.39 -4.34 -12.36
CA ALA B 10 -0.48 -3.31 -12.89
C ALA B 10 0.14 -1.93 -12.84
N PHE B 11 0.81 -1.66 -11.74
CA PHE B 11 1.43 -0.36 -11.50
C PHE B 11 2.90 -0.54 -11.11
N ARG C 3 8.67 4.79 4.78
CA ARG C 3 8.34 6.03 5.47
C ARG C 3 9.14 6.12 6.77
N LYS C 4 9.72 7.30 6.98
CA LYS C 4 10.40 7.63 8.21
C LYS C 4 9.76 8.92 8.70
N ARG C 5 9.96 9.26 9.98
CA ARG C 5 9.28 10.43 10.53
C ARG C 5 10.09 11.20 11.56
N LYS C 6 10.15 12.51 11.37
CA LYS C 6 10.88 13.39 12.26
C LYS C 6 10.00 13.90 13.39
N TRP C 7 10.60 14.20 14.53
CA TRP C 7 9.88 14.86 15.61
C TRP C 7 10.31 16.31 15.78
N SER C 8 9.40 17.24 15.50
CA SER C 8 9.69 18.65 15.63
C SER C 8 9.35 19.15 17.02
#